data_3ULT
#
_entry.id   3ULT
#
_cell.length_a   94.280
_cell.length_b   62.490
_cell.length_c   44.000
_cell.angle_alpha   90.000
_cell.angle_beta   113.960
_cell.angle_gamma   90.000
#
_symmetry.space_group_name_H-M   'C 1 2 1'
#
loop_
_entity.id
_entity.type
_entity.pdbx_description
1 polymer 'Ice recrystallization inhibition protein-like protein'
2 non-polymer 1,2-ETHANEDIOL
3 non-polymer ETHANOL
4 water water
#
_entity_poly.entity_id   1
_entity_poly.type   'polypeptide(L)'
_entity_poly.pdbx_seq_one_letter_code
;MDEQPNTISGSNNTVRSGSKNVLAGNDNTVISGDNNSVSGSNNTVVSGNDNTVTGSNHVVSGTNHIVTDNNNNVSGNDNN
VSGSFHTVSGGHNTVSGSNNTVSGSNHVVSGSNKVVTDAAKLAAALEHHHHHH
;
_entity_poly.pdbx_strand_id   A,B
#
loop_
_chem_comp.id
_chem_comp.type
_chem_comp.name
_chem_comp.formula
EDO non-polymer 1,2-ETHANEDIOL 'C2 H6 O2'
EOH non-polymer ETHANOL 'C2 H6 O'
#
# COMPACT_ATOMS: atom_id res chain seq x y z
N PRO A 5 -12.30 -21.66 -2.72
CA PRO A 5 -11.20 -21.11 -3.51
C PRO A 5 -10.16 -20.42 -2.62
N ASN A 6 -10.62 -19.64 -1.65
CA ASN A 6 -9.74 -19.10 -0.60
C ASN A 6 -10.21 -19.61 0.75
N THR A 7 -9.31 -19.65 1.72
CA THR A 7 -9.63 -20.06 3.08
C THR A 7 -9.55 -18.85 3.96
N ILE A 8 -10.63 -18.54 4.66
CA ILE A 8 -10.74 -17.31 5.42
C ILE A 8 -11.31 -17.65 6.79
N SER A 9 -10.63 -17.20 7.83
CA SER A 9 -11.10 -17.42 9.20
C SER A 9 -10.93 -16.17 10.01
N GLY A 10 -12.03 -15.61 10.51
CA GLY A 10 -12.00 -14.46 11.37
C GLY A 10 -13.09 -13.45 11.10
N SER A 11 -12.79 -12.18 11.23
CA SER A 11 -13.75 -11.11 11.02
CA SER A 11 -13.76 -11.11 11.02
C SER A 11 -13.27 -10.12 9.95
N ASN A 12 -14.09 -9.89 8.94
CA ASN A 12 -13.89 -8.82 7.97
C ASN A 12 -12.62 -8.99 7.16
N ASN A 13 -12.35 -10.23 6.79
CA ASN A 13 -11.29 -10.57 5.85
C ASN A 13 -11.88 -10.75 4.47
N THR A 14 -11.18 -10.32 3.42
N THR A 14 -11.15 -10.38 3.42
CA THR A 14 -11.72 -10.46 2.07
CA THR A 14 -11.68 -10.59 2.09
C THR A 14 -10.63 -10.67 1.02
C THR A 14 -10.61 -10.73 1.04
N VAL A 15 -11.00 -11.41 -0.04
CA VAL A 15 -10.17 -11.53 -1.25
C VAL A 15 -11.01 -11.01 -2.38
N ARG A 16 -10.58 -9.93 -3.04
N ARG A 16 -10.55 -9.98 -3.07
CA ARG A 16 -11.38 -9.39 -4.15
CA ARG A 16 -11.35 -9.38 -4.13
C ARG A 16 -11.21 -10.26 -5.38
C ARG A 16 -11.17 -10.10 -5.45
N SER A 17 -9.96 -10.57 -5.70
CA SER A 17 -9.62 -11.32 -6.90
C SER A 17 -8.44 -12.22 -6.57
N GLY A 18 -8.59 -13.51 -6.80
CA GLY A 18 -7.52 -14.45 -6.60
C GLY A 18 -7.98 -15.69 -5.90
N SER A 19 -7.07 -16.66 -5.80
CA SER A 19 -7.37 -17.96 -5.28
C SER A 19 -6.25 -18.54 -4.45
N LYS A 20 -6.64 -19.50 -3.62
CA LYS A 20 -5.75 -20.26 -2.78
C LYS A 20 -5.05 -19.39 -1.74
N ASN A 21 -5.62 -18.24 -1.43
CA ASN A 21 -5.10 -17.44 -0.30
C ASN A 21 -5.64 -18.00 1.01
N VAL A 22 -4.87 -17.81 2.09
CA VAL A 22 -5.29 -18.22 3.43
C VAL A 22 -5.21 -16.97 4.30
N LEU A 23 -6.35 -16.50 4.81
N LEU A 23 -6.34 -16.52 4.81
CA LEU A 23 -6.42 -15.27 5.62
CA LEU A 23 -6.40 -15.33 5.64
C LEU A 23 -6.98 -15.59 6.99
C LEU A 23 -6.89 -15.75 7.00
N ALA A 24 -6.25 -15.23 8.04
CA ALA A 24 -6.69 -15.49 9.40
C ALA A 24 -6.52 -14.25 10.26
N GLY A 25 -7.56 -13.88 10.98
CA GLY A 25 -7.53 -12.75 11.90
C GLY A 25 -8.59 -11.76 11.57
N ASN A 26 -8.29 -10.47 11.59
CA ASN A 26 -9.32 -9.48 11.32
C ASN A 26 -8.82 -8.45 10.30
N ASP A 27 -9.72 -8.05 9.40
CA ASP A 27 -9.53 -6.91 8.50
C ASP A 27 -8.32 -7.10 7.58
N ASN A 28 -8.02 -8.33 7.18
CA ASN A 28 -7.00 -8.61 6.20
C ASN A 28 -7.60 -8.66 4.81
N THR A 29 -6.86 -8.21 3.81
CA THR A 29 -7.39 -8.12 2.46
C THR A 29 -6.34 -8.57 1.45
N VAL A 30 -6.73 -9.36 0.46
CA VAL A 30 -5.96 -9.54 -0.75
C VAL A 30 -6.79 -8.90 -1.85
N ILE A 31 -6.26 -7.83 -2.42
N ILE A 31 -6.27 -7.85 -2.48
CA ILE A 31 -6.95 -7.12 -3.50
CA ILE A 31 -7.08 -7.23 -3.52
C ILE A 31 -6.89 -8.01 -4.75
C ILE A 31 -6.91 -7.93 -4.85
N SER A 32 -5.68 -8.33 -5.17
CA SER A 32 -5.45 -9.13 -6.36
C SER A 32 -4.27 -10.04 -6.10
N GLY A 33 -4.47 -11.33 -6.07
CA GLY A 33 -3.35 -12.22 -5.89
C GLY A 33 -3.71 -13.61 -5.46
N ASP A 34 -2.76 -14.51 -5.61
CA ASP A 34 -2.93 -15.93 -5.35
C ASP A 34 -1.92 -16.45 -4.35
N ASN A 35 -2.34 -17.44 -3.57
CA ASN A 35 -1.44 -18.25 -2.76
C ASN A 35 -0.71 -17.44 -1.68
N ASN A 36 -1.34 -16.38 -1.19
CA ASN A 36 -0.77 -15.64 -0.06
C ASN A 36 -1.29 -16.18 1.25
N SER A 37 -0.44 -16.17 2.26
N SER A 37 -0.44 -16.17 2.27
CA SER A 37 -0.82 -16.54 3.60
CA SER A 37 -0.81 -16.56 3.64
C SER A 37 -0.69 -15.27 4.42
C SER A 37 -0.67 -15.36 4.54
N VAL A 38 -1.80 -14.81 4.99
CA VAL A 38 -1.86 -13.57 5.74
C VAL A 38 -2.51 -13.83 7.08
N SER A 39 -1.82 -13.47 8.15
N SER A 39 -1.84 -13.48 8.16
CA SER A 39 -2.33 -13.69 9.50
CA SER A 39 -2.39 -13.71 9.49
C SER A 39 -2.10 -12.47 10.37
C SER A 39 -2.09 -12.57 10.43
N GLY A 40 -3.15 -12.03 11.05
CA GLY A 40 -3.06 -10.94 11.98
C GLY A 40 -4.15 -9.93 11.80
N SER A 41 -3.78 -8.66 11.85
N SER A 41 -3.80 -8.67 11.87
CA SER A 41 -4.75 -7.57 11.83
CA SER A 41 -4.79 -7.61 11.75
C SER A 41 -4.41 -6.50 10.80
C SER A 41 -4.40 -6.59 10.70
N ASN A 42 -5.39 -6.14 9.97
CA ASN A 42 -5.25 -4.99 9.06
C ASN A 42 -4.10 -5.08 8.11
N ASN A 43 -3.83 -6.28 7.59
CA ASN A 43 -2.81 -6.46 6.57
C ASN A 43 -3.40 -6.49 5.18
N THR A 44 -2.65 -6.03 4.19
CA THR A 44 -3.17 -5.92 2.83
C THR A 44 -2.12 -6.40 1.82
N VAL A 45 -2.47 -7.36 0.96
CA VAL A 45 -1.70 -7.65 -0.23
C VAL A 45 -2.45 -6.97 -1.35
N VAL A 46 -1.80 -6.02 -2.01
CA VAL A 46 -2.48 -5.23 -3.04
C VAL A 46 -2.47 -5.97 -4.35
N SER A 47 -1.32 -6.25 -4.91
CA SER A 47 -1.19 -7.08 -6.09
C SER A 47 0.03 -7.96 -5.87
N GLY A 48 -0.17 -9.24 -5.61
CA GLY A 48 0.95 -10.09 -5.26
C GLY A 48 0.59 -11.55 -5.06
N ASN A 49 1.58 -12.41 -5.24
CA ASN A 49 1.41 -13.85 -5.09
C ASN A 49 2.46 -14.44 -4.15
N ASP A 50 2.07 -15.49 -3.46
N ASP A 50 2.05 -15.49 -3.46
CA ASP A 50 3.01 -16.35 -2.74
CA ASP A 50 2.96 -16.34 -2.69
C ASP A 50 3.68 -15.65 -1.54
C ASP A 50 3.71 -15.57 -1.61
N ASN A 51 3.02 -14.63 -0.99
CA ASN A 51 3.60 -13.88 0.15
C ASN A 51 3.14 -14.46 1.44
N THR A 52 4.01 -14.39 2.45
CA THR A 52 3.67 -14.74 3.82
C THR A 52 3.76 -13.47 4.63
N VAL A 53 2.64 -13.09 5.26
CA VAL A 53 2.52 -11.78 5.86
C VAL A 53 1.89 -12.00 7.23
N THR A 54 2.60 -11.66 8.30
N THR A 54 2.58 -11.60 8.29
CA THR A 54 2.10 -11.85 9.65
CA THR A 54 2.12 -11.86 9.64
C THR A 54 2.29 -10.58 10.44
C THR A 54 2.37 -10.67 10.56
N GLY A 55 1.34 -10.31 11.32
CA GLY A 55 1.41 -9.17 12.23
C GLY A 55 0.32 -8.18 11.96
N SER A 56 0.69 -6.90 11.88
N SER A 56 0.68 -6.91 11.85
CA SER A 56 -0.29 -5.82 11.74
CA SER A 56 -0.34 -5.89 11.67
C SER A 56 0.12 -4.77 10.74
C SER A 56 0.10 -4.76 10.76
N ASN A 57 -0.88 -4.25 10.02
CA ASN A 57 -0.74 -3.02 9.23
C ASN A 57 0.25 -3.09 8.08
N HIS A 58 0.54 -4.29 7.55
CA HIS A 58 1.46 -4.41 6.43
C HIS A 58 0.75 -4.10 5.12
N VAL A 59 1.54 -3.59 4.16
CA VAL A 59 1.06 -3.37 2.80
C VAL A 59 2.09 -3.99 1.89
N VAL A 60 1.67 -4.98 1.13
CA VAL A 60 2.57 -5.85 0.38
C VAL A 60 2.11 -6.01 -1.05
N SER A 61 3.07 -5.91 -1.98
CA SER A 61 2.83 -6.28 -3.36
C SER A 61 4.03 -7.09 -3.86
N GLY A 62 3.88 -7.69 -5.03
CA GLY A 62 4.94 -8.51 -5.58
C GLY A 62 4.89 -9.94 -5.13
N THR A 63 6.02 -10.63 -5.10
CA THR A 63 6.03 -12.07 -4.97
C THR A 63 7.01 -12.60 -3.94
N ASN A 64 6.63 -13.68 -3.28
CA ASN A 64 7.50 -14.48 -2.43
C ASN A 64 8.12 -13.76 -1.25
N HIS A 65 7.45 -12.74 -0.74
CA HIS A 65 7.97 -12.05 0.43
C HIS A 65 7.65 -12.77 1.71
N ILE A 66 8.44 -12.50 2.74
CA ILE A 66 8.11 -12.89 4.10
C ILE A 66 8.19 -11.61 4.91
N VAL A 67 7.04 -11.19 5.43
CA VAL A 67 6.91 -9.89 6.10
C VAL A 67 6.30 -10.12 7.45
N THR A 68 6.92 -9.62 8.50
N THR A 68 6.95 -9.63 8.49
CA THR A 68 6.42 -9.83 9.85
CA THR A 68 6.48 -9.83 9.86
C THR A 68 6.53 -8.55 10.68
C THR A 68 6.49 -8.53 10.67
N ASP A 69 6.04 -8.63 11.91
CA ASP A 69 5.98 -7.52 12.87
C ASP A 69 4.93 -6.49 12.48
N ASN A 70 5.25 -5.22 12.25
CA ASN A 70 4.19 -4.27 11.94
C ASN A 70 4.59 -3.13 11.01
N ASN A 71 3.61 -2.71 10.22
CA ASN A 71 3.68 -1.47 9.48
C ASN A 71 4.79 -1.45 8.46
N ASN A 72 5.01 -2.57 7.76
CA ASN A 72 5.97 -2.63 6.69
C ASN A 72 5.31 -2.51 5.32
N ASN A 73 5.93 -1.73 4.45
N ASN A 73 5.98 -1.80 4.43
CA ASN A 73 5.48 -1.55 3.09
CA ASN A 73 5.49 -1.48 3.08
C ASN A 73 6.52 -2.17 2.18
C ASN A 73 6.50 -2.13 2.13
N VAL A 74 6.12 -3.24 1.50
CA VAL A 74 7.08 -4.11 0.80
C VAL A 74 6.59 -4.39 -0.62
N SER A 75 7.47 -4.28 -1.59
CA SER A 75 7.14 -4.62 -2.97
C SER A 75 8.36 -5.33 -3.57
N GLY A 76 8.23 -5.75 -4.82
CA GLY A 76 9.34 -6.46 -5.48
C GLY A 76 9.23 -7.96 -5.39
N ASN A 77 10.36 -8.63 -5.12
N ASN A 77 10.35 -8.64 -5.15
CA ASN A 77 10.42 -10.07 -5.07
CA ASN A 77 10.36 -10.09 -5.03
C ASN A 77 11.35 -10.60 -3.98
C ASN A 77 11.33 -10.60 -3.99
N ASP A 78 10.87 -11.57 -3.21
CA ASP A 78 11.69 -12.34 -2.30
C ASP A 78 12.38 -11.47 -1.24
N ASN A 79 11.68 -10.51 -0.67
CA ASN A 79 12.24 -9.73 0.43
C ASN A 79 11.79 -10.31 1.75
N ASN A 80 12.68 -10.35 2.71
CA ASN A 80 12.42 -10.87 4.05
C ASN A 80 12.57 -9.71 5.00
N VAL A 81 11.42 -9.27 5.55
CA VAL A 81 11.35 -8.01 6.28
C VAL A 81 10.74 -8.23 7.64
N SER A 82 11.44 -7.78 8.67
CA SER A 82 10.97 -7.84 10.05
C SER A 82 11.18 -6.48 10.69
N GLY A 83 10.69 -6.33 11.92
CA GLY A 83 10.67 -5.02 12.56
C GLY A 83 9.58 -4.13 11.99
N SER A 84 9.77 -2.83 12.02
CA SER A 84 8.63 -1.96 11.78
C SER A 84 8.95 -0.74 10.95
N PHE A 85 7.92 -0.27 10.26
CA PHE A 85 7.97 0.96 9.48
C PHE A 85 9.03 1.01 8.39
N HIS A 86 9.30 -0.14 7.79
CA HIS A 86 10.19 -0.21 6.66
C HIS A 86 9.50 0.03 5.34
N THR A 87 10.28 0.50 4.38
N THR A 87 10.26 0.55 4.38
CA THR A 87 9.85 0.63 2.99
CA THR A 87 9.82 0.61 3.00
C THR A 87 10.86 -0.10 2.15
C THR A 87 10.86 -0.11 2.17
N VAL A 88 10.46 -1.22 1.57
CA VAL A 88 11.40 -2.12 0.93
C VAL A 88 10.91 -2.50 -0.46
N SER A 89 11.76 -2.36 -1.46
CA SER A 89 11.43 -2.82 -2.79
C SER A 89 12.61 -3.59 -3.33
N GLY A 90 12.59 -3.89 -4.61
CA GLY A 90 13.68 -4.64 -5.20
C GLY A 90 13.57 -6.11 -4.90
N GLY A 91 14.70 -6.79 -4.95
CA GLY A 91 14.75 -8.24 -4.83
C GLY A 91 15.75 -8.80 -3.84
N HIS A 92 15.35 -9.81 -3.10
CA HIS A 92 16.24 -10.58 -2.26
C HIS A 92 16.93 -9.77 -1.19
N ASN A 93 16.20 -8.81 -0.64
CA ASN A 93 16.71 -8.03 0.48
C ASN A 93 16.26 -8.60 1.80
N THR A 94 17.08 -8.48 2.84
CA THR A 94 16.78 -8.92 4.17
C THR A 94 16.88 -7.70 5.08
N VAL A 95 15.76 -7.30 5.67
CA VAL A 95 15.68 -6.02 6.35
C VAL A 95 15.12 -6.27 7.74
N SER A 96 15.76 -5.72 8.76
CA SER A 96 15.27 -5.78 10.14
C SER A 96 15.44 -4.43 10.79
N GLY A 97 14.90 -4.25 11.98
CA GLY A 97 15.06 -3.04 12.73
C GLY A 97 13.88 -2.10 12.61
N SER A 98 14.12 -0.81 12.40
N SER A 98 14.14 -0.83 12.35
CA SER A 98 12.99 0.09 12.22
CA SER A 98 13.09 0.20 12.35
C SER A 98 13.30 1.27 11.33
C SER A 98 13.35 1.23 11.26
N ASN A 99 12.31 1.60 10.51
CA ASN A 99 12.35 2.77 9.64
C ASN A 99 13.47 2.75 8.64
N ASN A 100 13.75 1.60 8.01
CA ASN A 100 14.74 1.50 6.94
C ASN A 100 14.08 1.62 5.56
N THR A 101 14.79 2.24 4.63
CA THR A 101 14.36 2.40 3.25
C THR A 101 15.34 1.63 2.41
N VAL A 102 14.90 0.57 1.72
CA VAL A 102 15.81 -0.33 1.04
C VAL A 102 15.31 -0.66 -0.35
N SER A 103 16.15 -0.50 -1.37
CA SER A 103 15.78 -0.88 -2.70
C SER A 103 16.99 -1.52 -3.35
N GLY A 104 16.87 -1.87 -4.62
CA GLY A 104 17.91 -2.67 -5.20
C GLY A 104 17.83 -4.11 -4.79
N SER A 105 18.96 -4.80 -4.80
CA SER A 105 18.96 -6.22 -4.59
C SER A 105 20.08 -6.77 -3.72
N ASN A 106 19.77 -7.85 -3.02
CA ASN A 106 20.71 -8.61 -2.22
C ASN A 106 21.32 -7.88 -1.01
N HIS A 107 20.62 -6.89 -0.49
CA HIS A 107 21.08 -6.17 0.68
C HIS A 107 20.63 -6.82 1.97
N VAL A 108 21.48 -6.81 2.99
CA VAL A 108 21.14 -7.21 4.34
C VAL A 108 21.29 -5.95 5.16
N VAL A 109 20.18 -5.47 5.72
CA VAL A 109 20.13 -4.19 6.38
C VAL A 109 19.55 -4.39 7.77
N SER A 110 20.20 -3.88 8.78
CA SER A 110 19.74 -3.96 10.16
C SER A 110 19.85 -2.59 10.81
N GLY A 111 19.35 -2.46 12.02
CA GLY A 111 19.36 -1.18 12.71
C GLY A 111 18.23 -0.27 12.27
N SER A 112 18.44 1.02 12.38
CA SER A 112 17.35 1.95 12.20
C SER A 112 17.73 3.12 11.32
N ASN A 113 16.73 3.64 10.62
CA ASN A 113 16.85 4.88 9.84
C ASN A 113 17.87 4.79 8.74
N LYS A 114 18.10 3.60 8.19
CA LYS A 114 19.05 3.39 7.12
C LYS A 114 18.42 3.65 5.76
N VAL A 115 19.22 4.08 4.80
CA VAL A 115 18.81 4.24 3.42
C VAL A 115 19.81 3.51 2.55
N VAL A 116 19.37 2.45 1.89
CA VAL A 116 20.23 1.58 1.11
C VAL A 116 19.63 1.33 -0.29
N THR A 117 20.38 1.56 -1.38
CA THR A 117 19.88 1.38 -2.75
C THR A 117 20.90 0.76 -3.72
N ASP A 118 20.49 0.51 -4.98
CA ASP A 118 21.40 -0.02 -6.02
C ASP A 118 22.09 1.10 -6.82
N PRO B 5 -23.47 7.55 3.35
CA PRO B 5 -23.14 6.27 2.72
C PRO B 5 -21.84 6.53 1.97
N ASN B 6 -21.68 5.91 0.81
CA ASN B 6 -20.56 6.21 -0.07
C ASN B 6 -21.12 6.36 -1.46
N THR B 7 -20.47 7.14 -2.31
CA THR B 7 -20.94 7.34 -3.67
C THR B 7 -19.99 6.56 -4.55
N ILE B 8 -20.52 5.62 -5.31
CA ILE B 8 -19.71 4.72 -6.10
C ILE B 8 -20.28 4.63 -7.51
N SER B 9 -19.42 4.87 -8.53
N SER B 9 -19.47 4.96 -8.52
CA SER B 9 -19.85 4.93 -9.93
CA SER B 9 -19.90 4.76 -9.88
C SER B 9 -18.83 4.26 -10.87
C SER B 9 -18.79 4.05 -10.62
N GLY B 10 -19.18 3.11 -11.44
CA GLY B 10 -18.30 2.39 -12.32
C GLY B 10 -18.42 0.90 -12.14
N SER B 11 -17.30 0.20 -12.18
N SER B 11 -17.28 0.22 -12.12
CA SER B 11 -17.28 -1.26 -12.11
CA SER B 11 -17.22 -1.26 -12.11
C SER B 11 -16.28 -1.66 -11.05
C SER B 11 -16.26 -1.83 -11.05
N ASN B 12 -16.60 -2.70 -10.27
N ASN B 12 -16.83 -2.61 -10.13
CA ASN B 12 -15.66 -3.29 -9.32
CA ASN B 12 -16.07 -3.35 -9.13
C ASN B 12 -15.11 -2.31 -8.30
C ASN B 12 -15.28 -2.45 -8.20
N ASN B 13 -15.88 -1.31 -7.87
CA ASN B 13 -15.38 -0.39 -6.83
C ASN B 13 -16.03 -0.75 -5.51
N THR B 14 -15.30 -0.65 -4.40
N THR B 14 -15.27 -0.60 -4.42
CA THR B 14 -15.89 -0.97 -3.12
CA THR B 14 -15.72 -1.02 -3.10
C THR B 14 -15.22 -0.19 -2.00
C THR B 14 -15.23 -0.06 -2.03
N VAL B 15 -16.03 0.07 -0.98
CA VAL B 15 -15.56 0.61 0.28
C VAL B 15 -15.88 -0.44 1.33
N ARG B 16 -14.85 -0.98 1.98
N ARG B 16 -14.85 -0.93 2.02
CA ARG B 16 -15.12 -1.99 3.01
CA ARG B 16 -15.07 -2.00 3.00
C ARG B 16 -15.62 -1.34 4.28
C ARG B 16 -15.44 -1.49 4.39
N SER B 17 -14.88 -0.35 4.77
CA SER B 17 -15.17 0.29 6.05
C SER B 17 -14.99 1.78 5.86
N GLY B 18 -16.00 2.57 6.13
CA GLY B 18 -15.86 4.01 6.00
C GLY B 18 -17.07 4.65 5.34
N SER B 19 -17.08 5.96 5.29
N SER B 19 -17.06 5.98 5.34
CA SER B 19 -18.21 6.66 4.71
CA SER B 19 -18.21 6.79 4.91
C SER B 19 -17.79 7.96 4.08
C SER B 19 -17.77 7.99 4.08
N LYS B 20 -18.68 8.49 3.25
CA LYS B 20 -18.51 9.74 2.53
C LYS B 20 -17.35 9.71 1.51
N ASN B 21 -17.02 8.51 1.06
CA ASN B 21 -16.06 8.37 -0.02
C ASN B 21 -16.79 8.52 -1.35
N VAL B 22 -16.09 9.00 -2.37
CA VAL B 22 -16.59 9.08 -3.72
C VAL B 22 -15.60 8.33 -4.59
N LEU B 23 -16.06 7.24 -5.18
N LEU B 23 -16.07 7.26 -5.23
CA LEU B 23 -15.26 6.43 -6.08
CA LEU B 23 -15.24 6.38 -6.07
C LEU B 23 -15.85 6.50 -7.48
C LEU B 23 -15.80 6.29 -7.47
N ALA B 24 -14.97 6.62 -8.47
CA ALA B 24 -15.37 6.56 -9.88
C ALA B 24 -14.33 5.79 -10.65
N GLY B 25 -14.79 4.87 -11.48
CA GLY B 25 -13.92 4.18 -12.41
C GLY B 25 -14.00 2.68 -12.27
N ASN B 26 -12.87 2.00 -12.21
CA ASN B 26 -12.84 0.53 -12.16
C ASN B 26 -11.85 0.02 -11.15
N ASP B 27 -12.26 -0.94 -10.34
CA ASP B 27 -11.33 -1.69 -9.47
C ASP B 27 -10.67 -0.77 -8.45
N ASN B 28 -11.39 0.25 -7.99
CA ASN B 28 -10.89 1.09 -6.87
C ASN B 28 -11.45 0.59 -5.57
N THR B 29 -10.61 0.64 -4.56
N THR B 29 -10.68 0.73 -4.52
CA THR B 29 -10.98 0.19 -3.23
CA THR B 29 -11.11 0.22 -3.24
C THR B 29 -10.62 1.25 -2.17
C THR B 29 -10.61 1.09 -2.11
N VAL B 30 -11.52 1.48 -1.23
CA VAL B 30 -11.13 2.08 0.04
C VAL B 30 -11.34 0.98 1.08
N ILE B 31 -10.25 0.52 1.66
CA ILE B 31 -10.35 -0.56 2.65
C ILE B 31 -10.89 0.01 3.97
N SER B 32 -10.25 1.03 4.50
CA SER B 32 -10.73 1.70 5.69
C SER B 32 -10.47 3.17 5.52
N GLY B 33 -11.50 3.99 5.52
CA GLY B 33 -11.29 5.40 5.43
C GLY B 33 -12.53 6.18 5.07
N ASP B 34 -12.44 7.48 5.32
CA ASP B 34 -13.55 8.40 5.14
C ASP B 34 -13.18 9.56 4.23
N ASN B 35 -14.14 10.01 3.44
N ASN B 35 -14.16 10.07 3.50
CA ASN B 35 -14.04 11.27 2.71
CA ASN B 35 -14.03 11.30 2.71
C ASN B 35 -12.93 11.31 1.66
C ASN B 35 -12.85 11.29 1.74
N ASN B 36 -12.62 10.15 1.10
CA ASN B 36 -11.65 10.04 0.02
C ASN B 36 -12.35 10.21 -1.30
N SER B 37 -11.68 10.83 -2.27
N SER B 37 -11.67 10.83 -2.25
N SER B 37 -11.68 10.86 -2.25
CA SER B 37 -12.21 10.98 -3.62
CA SER B 37 -12.16 10.98 -3.61
CA SER B 37 -12.17 10.96 -3.61
C SER B 37 -11.24 10.32 -4.61
C SER B 37 -11.18 10.21 -4.47
C SER B 37 -11.20 10.25 -4.54
N VAL B 38 -11.66 9.20 -5.19
CA VAL B 38 -10.81 8.34 -6.00
C VAL B 38 -11.42 8.20 -7.38
N SER B 39 -10.67 8.54 -8.42
N SER B 39 -10.66 8.56 -8.40
CA SER B 39 -11.15 8.41 -9.80
CA SER B 39 -11.09 8.43 -9.78
C SER B 39 -10.08 7.83 -10.70
C SER B 39 -10.00 7.71 -10.57
N GLY B 40 -10.41 6.72 -11.35
CA GLY B 40 -9.51 6.04 -12.27
C GLY B 40 -9.61 4.56 -12.14
N SER B 41 -8.48 3.87 -12.10
CA SER B 41 -8.50 2.44 -12.06
C SER B 41 -7.47 1.85 -11.13
N ASN B 42 -7.86 0.80 -10.44
CA ASN B 42 -6.94 -0.05 -9.71
C ASN B 42 -6.21 0.75 -8.63
N ASN B 43 -6.89 1.73 -8.04
CA ASN B 43 -6.35 2.49 -6.92
C ASN B 43 -6.86 1.94 -5.62
N THR B 44 -6.00 1.98 -4.61
CA THR B 44 -6.33 1.45 -3.30
C THR B 44 -5.97 2.45 -2.21
N VAL B 45 -6.96 2.89 -1.43
CA VAL B 45 -6.72 3.62 -0.18
C VAL B 45 -6.79 2.57 0.91
N VAL B 46 -5.65 2.28 1.51
CA VAL B 46 -5.57 1.19 2.48
C VAL B 46 -6.17 1.62 3.79
N SER B 47 -5.63 2.65 4.40
N SER B 47 -5.63 2.67 4.37
CA SER B 47 -6.18 3.22 5.64
CA SER B 47 -6.19 3.22 5.60
C SER B 47 -5.92 4.69 5.56
C SER B 47 -5.92 4.68 5.49
N GLY B 48 -6.96 5.48 5.39
CA GLY B 48 -6.73 6.91 5.23
C GLY B 48 -7.99 7.69 4.96
N ASN B 49 -7.89 8.98 5.27
CA ASN B 49 -8.98 9.91 5.11
C ASN B 49 -8.61 11.13 4.29
N ASP B 50 -9.63 11.66 3.60
CA ASP B 50 -9.55 12.96 2.96
C ASP B 50 -8.46 13.04 1.89
N ASN B 51 -8.23 11.92 1.24
CA ASN B 51 -7.28 11.85 0.12
C ASN B 51 -7.96 12.08 -1.20
N THR B 52 -7.26 12.71 -2.14
CA THR B 52 -7.73 12.89 -3.50
C THR B 52 -6.77 12.10 -4.39
N VAL B 53 -7.29 11.10 -5.10
CA VAL B 53 -6.46 10.15 -5.84
C VAL B 53 -7.03 10.04 -7.22
N THR B 54 -6.24 10.29 -8.25
CA THR B 54 -6.69 10.09 -9.63
CA THR B 54 -6.69 10.10 -9.61
C THR B 54 -5.62 9.34 -10.39
N GLY B 55 -6.05 8.58 -11.38
CA GLY B 55 -5.15 7.87 -12.24
C GLY B 55 -5.20 6.38 -12.07
N SER B 56 -4.06 5.72 -12.05
N SER B 56 -4.06 5.71 -12.08
CA SER B 56 -4.06 4.26 -12.08
CA SER B 56 -4.05 4.25 -12.05
C SER B 56 -3.03 3.66 -11.13
C SER B 56 -3.03 3.69 -11.08
N ASN B 57 -3.39 2.59 -10.43
CA ASN B 57 -2.45 1.76 -9.70
C ASN B 57 -1.81 2.42 -8.49
N HIS B 58 -2.46 3.41 -7.90
CA HIS B 58 -1.92 4.01 -6.67
C HIS B 58 -2.24 3.18 -5.46
N VAL B 59 -1.35 3.29 -4.47
CA VAL B 59 -1.54 2.69 -3.15
C VAL B 59 -1.30 3.80 -2.16
N VAL B 60 -2.33 4.14 -1.38
CA VAL B 60 -2.32 5.31 -0.53
C VAL B 60 -2.80 5.02 0.88
N SER B 61 -2.07 5.53 1.87
N SER B 61 -2.07 5.53 1.86
CA SER B 61 -2.54 5.52 3.25
CA SER B 61 -2.50 5.52 3.25
C SER B 61 -2.20 6.85 3.89
C SER B 61 -2.33 6.91 3.81
N GLY B 62 -2.90 7.14 4.98
CA GLY B 62 -2.70 8.40 5.68
C GLY B 62 -3.72 9.42 5.25
N THR B 63 -3.38 10.70 5.40
CA THR B 63 -4.39 11.74 5.29
C THR B 63 -4.03 12.91 4.39
N ASN B 64 -5.04 13.45 3.71
CA ASN B 64 -4.92 14.68 2.99
C ASN B 64 -3.88 14.71 1.90
N HIS B 65 -3.66 13.57 1.26
CA HIS B 65 -2.79 13.54 0.11
C HIS B 65 -3.51 13.94 -1.17
N ILE B 66 -2.73 14.37 -2.15
CA ILE B 66 -3.19 14.53 -3.53
C ILE B 66 -2.25 13.70 -4.38
N VAL B 67 -2.79 12.68 -5.05
CA VAL B 67 -1.96 11.73 -5.81
C VAL B 67 -2.55 11.59 -7.19
N THR B 68 -1.73 11.79 -8.23
CA THR B 68 -2.19 11.72 -9.60
C THR B 68 -1.24 10.86 -10.42
N ASP B 69 -1.68 10.57 -11.64
CA ASP B 69 -0.92 9.86 -12.69
C ASP B 69 -0.82 8.36 -12.42
N ASN B 70 0.34 7.72 -12.25
CA ASN B 70 0.34 6.28 -12.17
C ASN B 70 1.34 5.67 -11.19
N ASN B 71 0.86 4.68 -10.47
CA ASN B 71 1.68 3.73 -9.73
C ASN B 71 2.49 4.42 -8.62
N ASN B 72 1.88 5.32 -7.90
CA ASN B 72 2.51 5.97 -6.76
C ASN B 72 2.06 5.34 -5.47
N ASN B 73 3.03 5.12 -4.60
N ASN B 73 3.03 5.20 -4.57
CA ASN B 73 2.82 4.53 -3.26
CA ASN B 73 2.91 4.53 -3.27
C ASN B 73 3.11 5.64 -2.25
C ASN B 73 3.14 5.63 -2.22
N VAL B 74 2.06 6.06 -1.57
CA VAL B 74 2.09 7.29 -0.78
C VAL B 74 1.50 7.00 0.61
N SER B 75 2.25 7.40 1.64
CA SER B 75 1.77 7.28 3.03
C SER B 75 2.12 8.57 3.75
N GLY B 76 1.70 8.64 5.02
CA GLY B 76 2.01 9.81 5.84
C GLY B 76 0.89 10.81 5.79
N ASN B 77 1.22 12.06 5.62
CA ASN B 77 0.22 13.09 5.55
C ASN B 77 0.58 14.23 4.61
N ASP B 78 -0.41 14.78 3.91
CA ASP B 78 -0.29 15.99 3.15
C ASP B 78 0.79 15.95 2.06
N ASN B 79 0.96 14.81 1.42
CA ASN B 79 1.91 14.71 0.31
C ASN B 79 1.20 14.97 -1.01
N ASN B 80 1.85 15.68 -1.91
CA ASN B 80 1.32 16.00 -3.21
C ASN B 80 2.20 15.32 -4.25
N VAL B 81 1.69 14.26 -4.86
CA VAL B 81 2.54 13.34 -5.63
C VAL B 81 1.96 13.20 -7.03
N SER B 82 2.78 13.48 -8.02
CA SER B 82 2.36 13.36 -9.42
C SER B 82 3.49 12.69 -10.18
N GLY B 83 3.22 12.34 -11.42
CA GLY B 83 4.16 11.54 -12.20
C GLY B 83 4.07 10.06 -11.83
N SER B 84 5.17 9.33 -12.01
CA SER B 84 5.10 7.87 -12.05
C SER B 84 6.06 7.17 -11.08
N PHE B 85 5.57 6.12 -10.42
CA PHE B 85 6.39 5.16 -9.69
C PHE B 85 7.13 5.73 -8.50
N HIS B 86 6.52 6.70 -7.83
CA HIS B 86 7.14 7.25 -6.63
C HIS B 86 6.81 6.46 -5.38
N THR B 87 7.66 6.61 -4.38
CA THR B 87 7.41 6.07 -3.06
C THR B 87 7.64 7.19 -2.09
N VAL B 88 6.55 7.68 -1.48
CA VAL B 88 6.60 8.91 -0.71
C VAL B 88 5.96 8.67 0.64
N SER B 89 6.64 9.07 1.70
CA SER B 89 6.12 8.96 3.06
C SER B 89 6.45 10.28 3.76
N GLY B 90 6.29 10.33 5.08
CA GLY B 90 6.48 11.58 5.79
C GLY B 90 5.35 12.57 5.55
N GLY B 91 5.66 13.85 5.64
CA GLY B 91 4.64 14.87 5.58
C GLY B 91 4.99 16.04 4.71
N HIS B 92 4.01 16.58 3.97
CA HIS B 92 4.16 17.83 3.27
C HIS B 92 5.23 17.85 2.21
N ASN B 93 5.38 16.72 1.55
CA ASN B 93 6.30 16.59 0.44
C ASN B 93 5.63 16.77 -0.89
N THR B 94 6.27 17.47 -1.81
CA THR B 94 5.75 17.69 -3.14
C THR B 94 6.67 16.99 -4.11
N VAL B 95 6.19 15.95 -4.79
CA VAL B 95 7.03 15.05 -5.57
C VAL B 95 6.45 14.95 -6.98
N SER B 96 7.30 15.09 -7.98
CA SER B 96 6.89 14.93 -9.36
C SER B 96 8.04 14.25 -10.07
N GLY B 97 7.82 13.90 -11.33
CA GLY B 97 8.79 13.22 -12.16
C GLY B 97 8.60 11.73 -12.15
N SER B 98 9.68 10.96 -12.01
CA SER B 98 9.61 9.52 -12.05
C SER B 98 10.50 8.81 -11.06
N ASN B 99 9.96 7.80 -10.39
N ASN B 99 9.94 7.81 -10.37
CA ASN B 99 10.77 6.90 -9.56
CA ASN B 99 10.72 6.89 -9.55
C ASN B 99 11.55 7.63 -8.48
C ASN B 99 11.50 7.54 -8.41
N ASN B 100 10.91 8.56 -7.78
CA ASN B 100 11.55 9.21 -6.62
C ASN B 100 11.11 8.56 -5.33
N THR B 101 12.03 8.48 -4.38
CA THR B 101 11.77 7.95 -3.06
C THR B 101 12.02 9.11 -2.11
N VAL B 102 10.97 9.51 -1.38
CA VAL B 102 11.02 10.74 -0.58
C VAL B 102 10.36 10.49 0.77
N SER B 103 11.02 10.94 1.83
CA SER B 103 10.48 10.87 3.17
C SER B 103 10.95 12.14 3.92
N GLY B 104 10.66 12.20 5.21
CA GLY B 104 10.89 13.43 5.95
C GLY B 104 9.77 14.40 5.65
N SER B 105 10.04 15.69 5.83
N SER B 105 10.02 15.68 5.83
CA SER B 105 9.01 16.71 5.71
CA SER B 105 8.95 16.66 5.63
C SER B 105 9.41 17.89 4.84
C SER B 105 9.40 17.87 4.84
N ASN B 106 8.44 18.45 4.13
CA ASN B 106 8.58 19.71 3.43
C ASN B 106 9.62 19.71 2.33
N HIS B 107 9.78 18.55 1.70
CA HIS B 107 10.66 18.44 0.55
C HIS B 107 9.96 18.63 -0.75
N VAL B 108 10.60 19.30 -1.69
CA VAL B 108 10.10 19.47 -3.04
C VAL B 108 11.11 18.76 -3.93
N VAL B 109 10.63 17.75 -4.62
CA VAL B 109 11.46 16.83 -5.37
C VAL B 109 10.86 16.63 -6.74
N SER B 110 11.63 16.97 -7.77
N SER B 110 11.62 17.01 -7.74
CA SER B 110 11.26 16.82 -9.14
CA SER B 110 11.29 16.77 -9.11
C SER B 110 12.48 16.17 -9.77
C SER B 110 12.40 15.88 -9.64
N GLY B 111 12.29 15.48 -10.87
CA GLY B 111 13.38 14.74 -11.49
C GLY B 111 13.15 13.26 -11.42
N SER B 112 14.20 12.48 -11.55
CA SER B 112 14.12 11.05 -11.72
C SER B 112 15.06 10.28 -10.83
N ASN B 113 14.58 9.19 -10.26
CA ASN B 113 15.39 8.25 -9.47
C ASN B 113 16.05 8.88 -8.27
N LYS B 114 15.45 9.93 -7.71
CA LYS B 114 16.05 10.62 -6.58
C LYS B 114 15.65 9.98 -5.27
N VAL B 115 16.54 10.06 -4.29
CA VAL B 115 16.29 9.58 -2.95
C VAL B 115 16.53 10.76 -2.03
N VAL B 116 15.47 11.22 -1.35
CA VAL B 116 15.49 12.40 -0.52
C VAL B 116 14.87 12.06 0.81
N THR B 117 15.65 12.08 1.90
CA THR B 117 15.18 11.59 3.18
C THR B 117 15.71 12.48 4.33
N ASP B 118 15.00 12.51 5.46
CA ASP B 118 15.44 13.25 6.67
C ASP B 118 16.44 12.46 7.50
C1 EDO C . -5.41 -3.11 -7.30
O1 EDO C . -6.65 -3.19 -7.99
C2 EDO C . -4.56 -4.33 -7.64
O2 EDO C . -4.38 -4.35 -9.07
H11 EDO C . -4.89 -2.20 -7.59
H12 EDO C . -5.60 -3.07 -6.22
HO1 EDO C . -7.20 -2.42 -7.78
H21 EDO C . -3.59 -4.25 -7.15
H22 EDO C . -5.06 -5.23 -7.31
HO2 EDO C . -3.85 -5.12 -9.31
C1 EOH D . 2.75 -18.40 1.02
C2 EOH D . 3.55 -19.18 -0.01
O EOH D . 1.45 -18.90 1.14
H11 EOH D . 3.26 -18.45 1.99
H12 EOH D . 2.71 -17.35 0.73
H21 EOH D . 3.06 -19.11 -0.98
H22 EOH D . 3.62 -20.23 0.29
H23 EOH D . 4.56 -18.77 -0.09
HO EOH D . 0.93 -18.33 1.76
C1 EOH E . -16.66 -11.46 8.44
C2 EOH E . -16.97 -10.46 9.53
O EOH E . -16.47 -12.75 8.97
H11 EOH E . -17.48 -11.48 7.73
H12 EOH E . -15.77 -11.15 7.90
H21 EOH E . -16.13 -10.43 10.23
H22 EOH E . -17.88 -10.76 10.05
H23 EOH E . -17.11 -9.48 9.08
HO EOH E . -17.15 -12.92 9.66
C1 EOH F . 14.02 -1.48 -6.25
C2 EOH F . 12.84 -0.96 -7.08
O EOH F . 15.18 -1.80 -6.99
H11 EOH F . 14.27 -0.72 -5.51
H12 EOH F . 13.70 -2.36 -5.71
H21 EOH F . 12.55 -1.72 -7.81
H22 EOH F . 13.14 -0.06 -7.61
H23 EOH F . 12.00 -0.74 -6.43
HO EOH F . 15.49 -2.69 -6.74
C1 EOH G . 14.38 -9.67 8.89
C2 EOH G . 14.32 -10.85 7.94
O EOH G . 14.86 -10.13 10.14
H11 EOH G . 15.04 -8.91 8.49
H12 EOH G . 13.38 -9.24 9.01
H21 EOH G . 13.65 -11.61 8.34
H22 EOH G . 15.32 -11.27 7.82
H23 EOH G . 13.95 -10.52 6.97
HO EOH G . 15.72 -10.57 10.01
C1 EOH H . -6.66 -1.75 6.80
C2 EOH H . -6.27 -0.85 7.98
O EOH H . -7.60 -2.76 7.21
H11 EOH H . -7.11 -1.14 6.02
H12 EOH H . -5.78 -2.22 6.39
H21 EOH H . -5.82 -1.46 8.76
H22 EOH H . -7.16 -0.36 8.38
H23 EOH H . -5.56 -0.10 7.65
HO EOH H . -7.30 -3.63 6.87
C1 EOH I . 11.44 2.37 -1.98
C2 EOH I . 12.30 3.01 -3.06
O EOH I . 12.14 1.38 -1.26
H11 EOH I . 11.08 3.14 -1.30
H12 EOH I . 10.56 1.91 -2.45
H21 EOH I . 12.63 2.24 -3.76
H22 EOH I . 13.15 3.48 -2.60
H23 EOH I . 11.71 3.75 -3.60
HO EOH I . 12.89 1.80 -0.81
C1 EDO J . -1.52 0.12 6.93
O1 EDO J . -2.80 -0.46 7.08
C2 EDO J . -1.65 1.43 6.14
O2 EDO J . -1.32 2.54 6.98
H11 EDO J . -0.86 -0.56 6.41
H12 EDO J . -1.09 0.33 7.91
HO1 EDO J . -2.72 -1.29 7.58
H21 EDO J . -2.68 1.53 5.77
H22 EDO J . -0.99 1.41 5.28
HO2 EDO J . -1.41 3.36 6.48
C1 EOH K . -1.59 17.91 -0.23
C2 EOH K . -1.09 19.08 -1.09
O EOH K . -2.89 18.17 0.22
H11 EOH K . -1.57 16.99 -0.82
H12 EOH K . -0.92 17.78 0.61
H21 EOH K . -1.09 19.99 -0.50
H22 EOH K . -1.76 19.20 -1.95
H23 EOH K . -0.07 18.87 -1.44
HO EOH K . -2.92 19.05 0.65
C1 EOH L . -11.01 14.61 -0.67
C2 EOH L . -11.05 15.54 0.55
O EOH L . -12.25 13.95 -0.84
H11 EOH L . -10.76 15.18 -1.55
H12 EOH L . -10.22 13.87 -0.52
H21 EOH L . -11.27 14.96 1.44
H22 EOH L . -11.82 16.29 0.40
H23 EOH L . -10.09 16.03 0.67
HO EOH L . -12.97 14.60 -0.82
C1 EOH M . -21.78 -1.59 -5.24
C2 EOH M . -20.96 -1.45 -3.98
O EOH M . -22.78 -2.56 -5.07
H11 EOH M . -22.25 -0.63 -5.48
H12 EOH M . -21.14 -1.86 -6.08
H21 EOH M . -20.48 -2.41 -3.75
H22 EOH M . -21.60 -1.16 -3.14
H23 EOH M . -20.19 -0.69 -4.12
HO EOH M . -22.84 -3.10 -5.88
C1 EOH N . -14.26 11.78 -7.43
C2 EOH N . -15.01 12.36 -8.62
O EOH N . -14.27 10.38 -7.48
H11 EOH N . -13.24 12.14 -7.42
H12 EOH N . -14.75 12.10 -6.50
H21 EOH N . -16.04 12.00 -8.62
H22 EOH N . -14.52 12.04 -9.54
H23 EOH N . -15.00 13.45 -8.56
HO EOH N . -13.77 10.02 -6.72
C1 EOH O . 0.19 2.52 1.89
C2 EOH O . 1.08 3.29 0.88
O EOH O . 0.70 2.60 3.21
H11 EOH O . -0.82 2.95 1.88
H12 EOH O . 0.11 1.48 1.59
H21 EOH O . 2.08 2.86 0.89
H22 EOH O . 1.14 4.34 1.18
H23 EOH O . 0.65 3.21 -0.11
HO EOH O . 1.66 2.79 3.19
#